data_4DV9
#
_entry.id   4DV9
#
_cell.length_a   105.528
_cell.length_b   128.846
_cell.length_c   76.766
_cell.angle_alpha   90.000
_cell.angle_beta   90.000
_cell.angle_gamma   90.000
#
_symmetry.space_group_name_H-M   'C 2 2 21'
#
loop_
_entity.id
_entity.type
_entity.pdbx_description
1 polymer 'Beta-secretase 1'
2 polymer 'METHYL (2S)-1-[(2R,5S,8S,12S,13S,16S,19S,22S)-16-(3-AMINO-3-OXOPROPYL)-2,13-DIBENZYL-12,22-DIHYDROXY-3,5,17-TRIMETHYL-8-(2-METHYLPROPYL)-4,7,10,15,18,21-HEXAOXO-19-(PROPAN-2-YL)-3,6,9,14,17,20-HEXAAZATRICOSAN-1-OYL]PYRROLIDINE-2-CARBOXYLATE (NON-PREFERRED NAME)'
3 non-polymer 'SULFATE ION'
4 water water
#
loop_
_entity_poly.entity_id
_entity_poly.type
_entity_poly.pdbx_seq_one_letter_code
_entity_poly.pdbx_strand_id
1 'polypeptide(L)'
;MGSSHHHHHHSAGENLYFQGTLPRETDEEPEEPGRRGSFVEMVDNLRGKSGQGYYVEMTVGSPPQTLNILVDTGSSNFAV
GAAPHPFLHRYYQRQLSSTYRDLRKGVYVPYTQGAWAGELGTDLVSIPHGPNVTVRANIAAITESDKFFINGSNWEGILG
LAYAEIARPDDSLEPFFDSLVKQTHVPNLFSLQLCGAGFPLNQSEVLASVGGSMIIGGIDHSLYTGSLWYTPIRREWYYE
VIIVRVEINGQDLKMDCKEYNYDKSIVDSGTTNLRLPKKVFEAAVKSIKAASSTEKFPDGFWLGEQLVCWQAGTTPWNIF
PVISLYLMGEVTNQSFRITILPQQYLRPVEDVATSQDDCYKFAISQSSTGTVMGAVIMEGFYVVFDRARKRIGFAVSACH
VHDEFRTAAVEGPFVTLDMEDCGYNIPQTDEST
;
A
2 'polypeptide(L)' (2OP)V(GNC)(PSA)LA(ZAE)(PLJ) B
#
# COMPACT_ATOMS: atom_id res chain seq x y z
N ARG A 35 17.67 25.26 -1.23
CA ARG A 35 16.22 25.26 -1.11
C ARG A 35 15.68 23.85 -0.83
N ARG A 36 15.19 23.63 0.39
CA ARG A 36 14.63 22.35 0.80
C ARG A 36 13.38 22.54 1.65
N GLY A 37 12.38 21.70 1.43
CA GLY A 37 11.12 21.80 2.19
C GLY A 37 11.26 21.53 3.68
N SER A 38 10.23 21.89 4.43
CA SER A 38 10.20 21.65 5.88
C SER A 38 10.37 20.19 6.29
N PHE A 39 9.80 19.27 5.51
CA PHE A 39 9.82 17.83 5.83
C PHE A 39 10.98 17.08 5.18
N VAL A 40 11.99 17.81 4.73
CA VAL A 40 13.11 17.21 4.01
C VAL A 40 13.73 15.98 4.70
N GLU A 41 13.82 15.99 6.02
CA GLU A 41 14.49 14.85 6.67
C GLU A 41 13.67 13.53 6.58
N MET A 42 12.43 13.63 6.16
CA MET A 42 11.60 12.42 5.97
C MET A 42 11.63 11.87 4.55
N VAL A 43 12.16 12.65 3.61
CA VAL A 43 12.21 12.21 2.23
C VAL A 43 13.17 11.02 2.09
N ASP A 44 12.77 10.04 1.29
CA ASP A 44 13.59 8.85 1.04
C ASP A 44 13.81 8.01 2.28
N ASN A 45 12.82 8.00 3.17
CA ASN A 45 12.95 7.17 4.38
C ASN A 45 12.42 5.74 4.24
N LEU A 46 11.95 5.36 3.04
CA LEU A 46 11.47 4.00 2.77
C LEU A 46 12.44 3.24 1.87
N ARG A 47 12.52 1.92 2.06
CA ARG A 47 13.30 1.03 1.21
C ARG A 47 12.46 -0.21 0.94
N GLY A 48 12.96 -1.10 0.11
CA GLY A 48 12.26 -2.35 -0.17
C GLY A 48 12.88 -3.11 -1.32
N LYS A 49 12.39 -4.33 -1.51
CA LYS A 49 12.68 -5.10 -2.71
C LYS A 49 11.36 -5.23 -3.48
N SER A 50 11.42 -5.14 -4.80
CA SER A 50 10.20 -5.16 -5.61
C SER A 50 9.32 -6.36 -5.28
N GLY A 51 8.01 -6.11 -5.16
CA GLY A 51 7.05 -7.14 -4.79
C GLY A 51 7.18 -7.66 -3.37
N GLN A 52 8.00 -7.00 -2.54
CA GLN A 52 8.19 -7.47 -1.16
C GLN A 52 7.83 -6.44 -0.10
N GLY A 53 7.14 -5.37 -0.52
CA GLY A 53 6.69 -4.36 0.41
C GLY A 53 7.72 -3.26 0.63
N TYR A 54 7.31 -2.22 1.34
CA TYR A 54 8.16 -1.07 1.61
C TYR A 54 8.27 -0.96 3.11
N TYR A 55 9.46 -0.65 3.62
CA TYR A 55 9.65 -0.61 5.06
C TYR A 55 10.40 0.65 5.50
N VAL A 56 10.18 1.02 6.76
CA VAL A 56 10.77 2.20 7.37
C VAL A 56 11.48 1.75 8.64
N GLU A 57 12.58 2.40 9.01
CA GLU A 57 13.23 2.06 10.26
C GLU A 57 12.47 2.59 11.45
N MET A 58 12.31 1.75 12.46
CA MET A 58 11.70 2.17 13.71
C MET A 58 12.57 1.76 14.90
N THR A 59 12.63 2.59 15.92
CA THR A 59 13.46 2.31 17.07
C THR A 59 12.58 2.02 18.27
N VAL A 60 12.76 0.85 18.89
CA VAL A 60 11.90 0.46 20.00
CA VAL A 60 11.91 0.43 19.99
C VAL A 60 12.71 0.15 21.27
N GLY A 61 12.12 0.42 22.42
CA GLY A 61 12.71 0.04 23.69
C GLY A 61 13.84 0.94 24.17
N SER A 62 14.43 0.57 25.29
CA SER A 62 15.50 1.35 25.91
C SER A 62 16.43 0.41 26.63
N PRO A 63 17.72 0.43 26.26
CA PRO A 63 18.29 1.23 25.17
C PRO A 63 17.72 0.85 23.78
N PRO A 64 18.02 1.67 22.76
CA PRO A 64 17.41 1.55 21.42
C PRO A 64 17.62 0.21 20.73
N GLN A 65 16.54 -0.37 20.22
CA GLN A 65 16.64 -1.49 19.27
C GLN A 65 15.97 -1.07 17.96
N THR A 66 16.77 -0.92 16.91
CA THR A 66 16.21 -0.48 15.64
C THR A 66 15.84 -1.68 14.74
N LEU A 67 14.66 -1.62 14.13
CA LEU A 67 14.16 -2.69 13.27
C LEU A 67 13.57 -2.12 11.99
N ASN A 68 13.64 -2.89 10.91
CA ASN A 68 12.95 -2.54 9.66
C ASN A 68 11.50 -3.01 9.70
N ILE A 69 10.57 -2.09 9.46
CA ILE A 69 9.15 -2.37 9.61
C ILE A 69 8.35 -2.10 8.34
N LEU A 70 7.62 -3.11 7.85
CA LEU A 70 6.81 -2.98 6.66
C LEU A 70 5.64 -2.01 6.90
N VAL A 71 5.41 -1.10 5.97
CA VAL A 71 4.33 -0.12 6.09
C VAL A 71 3.06 -0.67 5.41
N ASP A 72 1.98 -0.83 6.18
CA ASP A 72 0.76 -1.50 5.71
C ASP A 72 -0.49 -0.71 6.05
N THR A 73 -1.02 0.03 5.09
CA THR A 73 -2.26 0.75 5.31
C THR A 73 -3.48 -0.18 5.29
N GLY A 74 -3.26 -1.48 5.08
CA GLY A 74 -4.35 -2.43 5.03
C GLY A 74 -4.58 -3.19 6.34
N SER A 75 -3.92 -2.78 7.42
CA SER A 75 -4.20 -3.37 8.73
C SER A 75 -3.92 -2.37 9.86
N SER A 76 -4.14 -2.79 11.11
CA SER A 76 -4.06 -1.85 12.22
C SER A 76 -3.23 -2.34 13.43
N ASN A 77 -2.47 -3.42 13.28
CA ASN A 77 -1.57 -3.88 14.35
C ASN A 77 -0.09 -3.58 14.10
N PHE A 78 0.58 -3.05 15.12
CA PHE A 78 2.02 -2.89 15.07
C PHE A 78 2.62 -4.15 15.70
N ALA A 79 3.44 -4.88 14.95
CA ALA A 79 4.02 -6.14 15.41
C ALA A 79 5.44 -6.32 14.90
N VAL A 80 6.28 -6.97 15.71
CA VAL A 80 7.66 -7.19 15.33
C VAL A 80 8.13 -8.57 15.72
N GLY A 81 8.94 -9.17 14.85
CA GLY A 81 9.60 -10.41 15.20
C GLY A 81 10.30 -10.27 16.54
N ALA A 82 10.08 -11.25 17.41
CA ALA A 82 10.62 -11.19 18.78
C ALA A 82 11.24 -12.50 19.21
N ALA A 83 11.50 -13.40 18.26
CA ALA A 83 12.24 -14.62 18.51
C ALA A 83 12.94 -15.00 17.21
N PRO A 84 13.98 -15.85 17.30
CA PRO A 84 14.71 -16.22 16.08
C PRO A 84 13.81 -16.90 15.06
N HIS A 85 14.12 -16.65 13.79
CA HIS A 85 13.41 -17.26 12.67
C HIS A 85 14.42 -17.30 11.54
N PRO A 86 14.36 -18.35 10.71
CA PRO A 86 15.32 -18.51 9.60
C PRO A 86 15.37 -17.32 8.65
N PHE A 87 14.28 -16.56 8.52
CA PHE A 87 14.30 -15.41 7.60
C PHE A 87 14.55 -14.07 8.30
N LEU A 88 14.84 -14.10 9.60
CA LEU A 88 15.11 -12.88 10.37
C LEU A 88 16.59 -12.72 10.71
N HIS A 89 17.17 -11.56 10.41
CA HIS A 89 18.54 -11.26 10.79
C HIS A 89 18.59 -10.65 12.19
N ARG A 90 17.51 -9.98 12.56
CA ARG A 90 17.41 -9.41 13.90
C ARG A 90 15.97 -9.45 14.41
N TYR A 91 15.81 -9.30 15.72
CA TYR A 91 14.49 -9.32 16.33
C TYR A 91 14.50 -8.58 17.65
N TYR A 92 13.30 -8.23 18.10
CA TYR A 92 13.05 -7.49 19.32
C TYR A 92 13.36 -8.38 20.52
N GLN A 93 14.26 -7.92 21.41
CA GLN A 93 14.60 -8.65 22.64
C GLN A 93 14.00 -7.92 23.83
N ARG A 94 12.80 -8.34 24.23
CA ARG A 94 12.09 -7.64 25.29
C ARG A 94 12.82 -7.58 26.64
N GLN A 95 13.60 -8.63 26.96
CA GLN A 95 14.26 -8.66 28.25
C GLN A 95 15.36 -7.60 28.36
N LEU A 96 15.82 -7.10 27.21
CA LEU A 96 16.85 -6.07 27.18
C LEU A 96 16.28 -4.64 27.22
N SER A 97 14.96 -4.52 27.12
CA SER A 97 14.33 -3.21 27.18
C SER A 97 13.77 -2.91 28.55
N SER A 98 14.34 -1.90 29.21
CA SER A 98 13.94 -1.56 30.57
C SER A 98 12.58 -0.92 30.60
N THR A 99 12.15 -0.37 29.46
CA THR A 99 10.87 0.32 29.41
C THR A 99 9.73 -0.58 28.87
N TYR A 100 10.03 -1.85 28.61
CA TYR A 100 8.99 -2.77 28.12
C TYR A 100 7.97 -3.12 29.20
N ARG A 101 6.68 -3.09 28.86
CA ARG A 101 5.63 -3.45 29.80
C ARG A 101 4.71 -4.55 29.24
N ASP A 102 4.65 -5.68 29.94
CA ASP A 102 3.87 -6.85 29.52
C ASP A 102 2.38 -6.58 29.69
N LEU A 103 1.58 -6.81 28.65
CA LEU A 103 0.13 -6.68 28.77
C LEU A 103 -0.55 -8.00 29.17
N ARG A 104 0.23 -9.07 29.26
CA ARG A 104 -0.31 -10.36 29.68
C ARG A 104 -1.52 -10.80 28.83
N LYS A 105 -1.35 -10.77 27.52
CA LYS A 105 -2.44 -11.10 26.61
C LYS A 105 -1.88 -11.55 25.28
N GLY A 106 -2.37 -12.68 24.77
CA GLY A 106 -1.92 -13.18 23.49
C GLY A 106 -2.63 -12.46 22.37
N VAL A 107 -2.09 -12.54 21.16
CA VAL A 107 -2.73 -11.92 19.99
C VAL A 107 -2.39 -12.69 18.73
N TYR A 108 -3.37 -12.76 17.83
CA TYR A 108 -3.24 -13.55 16.61
C TYR A 108 -3.77 -12.68 15.47
N VAL A 109 -3.03 -12.62 14.35
CA VAL A 109 -3.46 -11.82 13.22
C VAL A 109 -3.29 -12.63 11.96
N PRO A 110 -4.40 -12.90 11.26
CA PRO A 110 -4.33 -13.61 9.99
C PRO A 110 -4.42 -12.58 8.86
N TYR A 111 -3.64 -12.77 7.80
CA TYR A 111 -3.73 -11.91 6.64
C TYR A 111 -4.27 -12.69 5.43
N THR A 112 -4.47 -12.00 4.32
CA THR A 112 -4.93 -12.64 3.08
C THR A 112 -4.06 -13.85 2.80
N GLN A 113 -2.75 -13.66 2.83
CA GLN A 113 -1.80 -14.75 2.89
C GLN A 113 -0.91 -14.45 4.07
N GLY A 114 -0.75 -15.42 4.97
CA GLY A 114 0.14 -15.29 6.10
C GLY A 114 -0.58 -15.11 7.42
N ALA A 115 0.09 -15.43 8.52
CA ALA A 115 -0.45 -15.20 9.85
C ALA A 115 0.66 -15.28 10.90
N TRP A 116 0.45 -14.65 12.04
CA TRP A 116 1.40 -14.74 13.13
C TRP A 116 0.65 -14.72 14.46
N ALA A 117 1.31 -15.23 15.49
CA ALA A 117 0.79 -15.19 16.85
C ALA A 117 1.89 -14.64 17.75
N GLY A 118 1.49 -13.97 18.81
CA GLY A 118 2.45 -13.31 19.67
C GLY A 118 1.84 -12.84 20.96
N GLU A 119 2.51 -11.87 21.59
CA GLU A 119 2.17 -11.42 22.92
C GLU A 119 2.17 -9.92 22.95
N LEU A 120 1.16 -9.35 23.58
CA LEU A 120 0.98 -7.92 23.63
C LEU A 120 1.81 -7.28 24.74
N GLY A 121 2.33 -6.10 24.45
CA GLY A 121 3.01 -5.28 25.45
C GLY A 121 3.01 -3.85 24.97
N THR A 122 3.62 -2.96 25.75
CA THR A 122 3.88 -1.60 25.28
C THR A 122 5.35 -1.27 25.50
N ASP A 123 5.84 -0.33 24.72
CA ASP A 123 7.21 0.12 24.83
C ASP A 123 7.33 1.46 24.11
N LEU A 124 8.46 2.14 24.30
CA LEU A 124 8.72 3.42 23.67
C LEU A 124 9.12 3.17 22.23
N VAL A 125 8.60 3.99 21.33
CA VAL A 125 8.83 3.85 19.91
C VAL A 125 9.07 5.20 19.27
N SER A 126 10.11 5.28 18.45
CA SER A 126 10.41 6.45 17.66
CA SER A 126 10.37 6.46 17.65
C SER A 126 10.70 6.01 16.24
N ILE A 127 10.56 6.94 15.30
CA ILE A 127 10.92 6.72 13.92
C ILE A 127 12.04 7.71 13.57
N PRO A 128 13.29 7.23 13.48
CA PRO A 128 14.51 8.03 13.30
C PRO A 128 14.37 9.02 12.14
N HIS A 129 13.85 8.55 11.01
CA HIS A 129 13.66 9.43 9.85
C HIS A 129 12.22 9.84 9.69
N GLY A 130 11.52 9.90 10.82
CA GLY A 130 10.15 10.38 10.86
C GLY A 130 10.04 11.60 11.74
N PRO A 131 8.90 11.78 12.40
CA PRO A 131 8.70 12.94 13.28
C PRO A 131 9.55 12.88 14.53
N ASN A 132 9.88 14.05 15.06
CA ASN A 132 10.79 14.18 16.19
C ASN A 132 10.02 14.04 17.50
N VAL A 133 9.50 12.82 17.73
CA VAL A 133 8.74 12.51 18.94
C VAL A 133 9.01 11.05 19.33
N THR A 134 8.66 10.70 20.56
CA THR A 134 8.74 9.32 21.02
C THR A 134 7.39 8.99 21.66
N VAL A 135 6.79 7.86 21.31
CA VAL A 135 5.52 7.53 21.96
C VAL A 135 5.53 6.17 22.61
N ARG A 136 4.68 5.99 23.62
CA ARG A 136 4.48 4.68 24.19
C ARG A 136 3.34 4.01 23.41
N ALA A 137 3.68 2.94 22.71
CA ALA A 137 2.77 2.27 21.77
C ALA A 137 2.52 0.83 22.13
N ASN A 138 1.37 0.31 21.70
CA ASN A 138 1.10 -1.11 21.78
C ASN A 138 1.99 -1.83 20.79
N ILE A 139 2.57 -2.94 21.21
CA ILE A 139 3.40 -3.72 20.32
CA ILE A 139 3.44 -3.74 20.35
C ILE A 139 3.16 -5.22 20.49
N ALA A 140 2.94 -5.91 19.37
CA ALA A 140 2.75 -7.35 19.41
C ALA A 140 4.11 -7.98 19.14
N ALA A 141 4.59 -8.78 20.08
CA ALA A 141 5.86 -9.46 19.92
C ALA A 141 5.56 -10.78 19.23
N ILE A 142 6.00 -10.94 17.98
CA ILE A 142 5.72 -12.13 17.19
C ILE A 142 6.64 -13.29 17.59
N THR A 143 6.06 -14.38 18.08
CA THR A 143 6.86 -15.53 18.53
C THR A 143 6.74 -16.75 17.59
N GLU A 144 5.67 -16.78 16.80
CA GLU A 144 5.43 -17.89 15.88
C GLU A 144 4.72 -17.32 14.66
N SER A 145 5.01 -17.86 13.48
CA SER A 145 4.39 -17.32 12.28
C SER A 145 4.37 -18.36 11.17
N ASP A 146 3.50 -18.14 10.19
CA ASP A 146 3.36 -19.04 9.06
C ASP A 146 3.24 -18.20 7.78
N LYS A 147 4.22 -18.32 6.89
CA LYS A 147 4.17 -17.66 5.60
C LYS A 147 4.04 -16.15 5.73
N PHE A 148 4.62 -15.60 6.79
CA PHE A 148 4.55 -14.18 7.03
C PHE A 148 5.86 -13.53 6.61
N PHE A 149 6.94 -13.87 7.31
CA PHE A 149 8.26 -13.34 6.97
C PHE A 149 8.73 -13.91 5.63
N ILE A 150 9.58 -13.15 4.95
CA ILE A 150 10.02 -13.51 3.61
C ILE A 150 11.54 -13.64 3.57
N ASN A 151 12.01 -14.72 2.96
CA ASN A 151 13.44 -14.96 2.86
C ASN A 151 14.12 -13.79 2.15
N GLY A 152 14.95 -13.04 2.89
CA GLY A 152 15.72 -11.95 2.32
C GLY A 152 14.99 -10.66 1.98
N SER A 153 13.91 -10.36 2.70
CA SER A 153 13.14 -9.16 2.43
C SER A 153 13.74 -7.93 3.13
N ASN A 154 14.48 -8.19 4.20
CA ASN A 154 15.13 -7.17 5.03
C ASN A 154 14.23 -6.51 6.08
N TRP A 155 12.97 -6.92 6.16
CA TRP A 155 12.07 -6.37 7.19
C TRP A 155 11.69 -7.40 8.24
N GLU A 156 11.34 -6.94 9.43
CA GLU A 156 11.28 -7.78 10.61
C GLU A 156 9.98 -7.57 11.40
N GLY A 157 9.10 -6.72 10.86
CA GLY A 157 7.83 -6.47 11.51
C GLY A 157 6.92 -5.69 10.59
N ILE A 158 5.76 -5.28 11.10
CA ILE A 158 4.76 -4.65 10.27
C ILE A 158 4.08 -3.54 11.04
N LEU A 159 3.77 -2.45 10.34
CA LEU A 159 3.14 -1.30 10.96
C LEU A 159 1.78 -1.08 10.32
N GLY A 160 0.74 -1.47 11.04
CA GLY A 160 -0.62 -1.33 10.57
C GLY A 160 -1.12 0.09 10.75
N LEU A 161 -1.41 0.78 9.64
CA LEU A 161 -1.74 2.20 9.68
C LEU A 161 -3.24 2.53 9.57
N ALA A 162 -4.09 1.50 9.47
CA ALA A 162 -5.55 1.73 9.38
C ALA A 162 -6.15 1.93 10.76
N TYR A 163 -7.48 1.88 10.87
CA TYR A 163 -8.16 2.36 12.08
C TYR A 163 -8.41 1.27 13.13
N ALA A 164 -8.79 1.68 14.33
CA ALA A 164 -9.00 0.77 15.45
C ALA A 164 -10.04 -0.33 15.19
N GLU A 165 -11.04 -0.02 14.38
CA GLU A 165 -12.11 -0.98 14.11
C GLU A 165 -11.62 -2.35 13.66
N ILE A 166 -10.51 -2.40 12.93
CA ILE A 166 -10.02 -3.69 12.46
C ILE A 166 -8.79 -4.22 13.21
N ALA A 167 -8.44 -3.60 14.33
CA ALA A 167 -7.32 -4.08 15.15
C ALA A 167 -7.69 -5.39 15.85
N ARG A 168 -6.70 -6.26 16.04
CA ARG A 168 -6.87 -7.47 16.87
C ARG A 168 -6.18 -7.26 18.21
N PRO A 169 -6.72 -7.82 19.30
CA PRO A 169 -7.90 -8.69 19.42
C PRO A 169 -9.22 -7.95 19.23
N ASP A 170 -9.21 -6.65 19.46
CA ASP A 170 -10.40 -5.84 19.24
C ASP A 170 -10.06 -4.35 19.16
N ASP A 171 -11.09 -3.53 18.98
CA ASP A 171 -10.86 -2.12 18.69
C ASP A 171 -10.44 -1.30 19.91
N SER A 172 -10.24 -1.98 21.04
CA SER A 172 -9.72 -1.31 22.23
C SER A 172 -8.20 -1.24 22.18
N LEU A 173 -7.59 -2.00 21.27
CA LEU A 173 -6.13 -1.98 21.16
C LEU A 173 -5.69 -0.84 20.24
N GLU A 174 -5.35 0.29 20.85
CA GLU A 174 -5.03 1.51 20.12
C GLU A 174 -3.90 1.31 19.11
N PRO A 175 -4.16 1.61 17.83
CA PRO A 175 -3.14 1.47 16.78
C PRO A 175 -2.04 2.51 16.92
N PHE A 176 -0.88 2.25 16.32
CA PHE A 176 0.27 3.14 16.45
C PHE A 176 -0.06 4.60 16.12
N PHE A 177 -0.73 4.82 14.99
CA PHE A 177 -0.95 6.20 14.56
C PHE A 177 -1.91 6.93 15.49
N ASP A 178 -2.92 6.22 16.01
CA ASP A 178 -3.77 6.76 17.05
C ASP A 178 -2.97 7.26 18.26
N SER A 179 -2.03 6.43 18.74
CA SER A 179 -1.21 6.77 19.89
C SER A 179 -0.39 8.02 19.60
N LEU A 180 0.23 8.04 18.43
CA LEU A 180 1.06 9.15 18.01
C LEU A 180 0.29 10.48 18.06
N VAL A 181 -0.91 10.48 17.48
CA VAL A 181 -1.74 11.70 17.44
C VAL A 181 -2.25 12.10 18.84
N LYS A 182 -2.59 11.10 19.64
CA LYS A 182 -3.10 11.37 20.99
C LYS A 182 -2.01 11.89 21.94
N GLN A 183 -0.79 11.38 21.79
CA GLN A 183 0.28 11.73 22.73
C GLN A 183 1.09 12.97 22.33
N THR A 184 1.00 13.38 21.07
CA THR A 184 1.89 14.42 20.57
C THR A 184 1.16 15.48 19.76
N HIS A 185 1.91 16.48 19.29
CA HIS A 185 1.40 17.57 18.48
C HIS A 185 1.25 17.18 17.01
N VAL A 186 1.77 16.02 16.62
CA VAL A 186 1.81 15.61 15.21
C VAL A 186 0.39 15.60 14.61
N PRO A 187 0.18 16.36 13.52
CA PRO A 187 -1.15 16.46 12.89
C PRO A 187 -1.61 15.11 12.35
N ASN A 188 -2.92 14.88 12.39
CA ASN A 188 -3.49 13.59 12.06
C ASN A 188 -3.53 13.35 10.55
N LEU A 189 -2.34 13.17 9.95
CA LEU A 189 -2.20 13.01 8.50
C LEU A 189 -0.84 12.39 8.17
N PHE A 190 -0.82 11.54 7.16
CA PHE A 190 0.46 11.06 6.65
C PHE A 190 0.33 10.85 5.15
N SER A 191 1.47 10.81 4.47
CA SER A 191 1.43 10.62 3.03
C SER A 191 2.49 9.63 2.59
N LEU A 192 2.24 8.96 1.47
CA LEU A 192 3.12 7.91 0.97
C LEU A 192 3.45 8.13 -0.51
N GLN A 193 4.74 8.02 -0.81
CA GLN A 193 5.22 8.02 -2.18
C GLN A 193 6.03 6.75 -2.31
N LEU A 194 5.44 5.74 -2.95
CA LEU A 194 6.15 4.48 -3.18
C LEU A 194 6.75 4.50 -4.58
N CYS A 195 8.08 4.40 -4.66
CA CYS A 195 8.75 4.44 -5.96
C CYS A 195 9.12 3.03 -6.42
N GLY A 196 8.47 2.58 -7.50
CA GLY A 196 8.77 1.28 -8.06
C GLY A 196 10.13 1.23 -8.74
N ALA A 197 10.53 0.03 -9.15
CA ALA A 197 11.79 -0.13 -9.86
C ALA A 197 11.56 -0.14 -11.37
N VAL A 210 14.39 -0.19 -4.83
CA VAL A 210 13.07 0.27 -4.44
C VAL A 210 13.13 1.20 -3.23
N GLY A 211 12.48 2.36 -3.33
CA GLY A 211 12.45 3.32 -2.24
C GLY A 211 11.20 4.17 -2.21
N GLY A 212 11.25 5.25 -1.46
CA GLY A 212 10.12 6.15 -1.34
C GLY A 212 10.13 6.93 -0.04
N SER A 213 9.03 7.60 0.25
CA SER A 213 8.95 8.48 1.40
C SER A 213 7.63 8.30 2.11
N MET A 214 7.70 8.30 3.43
CA MET A 214 6.50 8.40 4.24
C MET A 214 6.63 9.68 5.03
N ILE A 215 5.85 10.68 4.65
CA ILE A 215 5.84 11.95 5.36
C ILE A 215 4.79 11.89 6.45
N ILE A 216 5.22 12.09 7.68
CA ILE A 216 4.28 11.98 8.79
C ILE A 216 3.99 13.36 9.38
N GLY A 217 2.71 13.71 9.39
CA GLY A 217 2.27 14.98 9.93
C GLY A 217 2.10 16.05 8.87
N GLY A 218 2.31 15.68 7.62
CA GLY A 218 2.23 16.68 6.56
C GLY A 218 2.43 16.16 5.15
N ILE A 219 2.72 17.09 4.26
CA ILE A 219 2.83 16.86 2.84
C ILE A 219 4.09 17.54 2.31
N ASP A 220 4.90 16.82 1.53
CA ASP A 220 6.09 17.41 0.92
C ASP A 220 5.86 17.65 -0.57
N HIS A 221 5.96 18.91 -1.00
CA HIS A 221 5.55 19.28 -2.35
C HIS A 221 6.52 18.87 -3.44
N SER A 222 7.70 18.40 -3.06
CA SER A 222 8.68 17.94 -4.04
C SER A 222 8.36 16.50 -4.49
N LEU A 223 7.39 15.87 -3.84
CA LEU A 223 7.09 14.48 -4.13
C LEU A 223 6.05 14.28 -5.25
N TYR A 224 5.45 15.36 -5.71
CA TYR A 224 4.42 15.23 -6.74
C TYR A 224 4.39 16.42 -7.67
N THR A 225 3.70 16.27 -8.80
CA THR A 225 3.47 17.37 -9.74
C THR A 225 1.97 17.49 -10.00
N GLY A 226 1.56 18.64 -10.53
CA GLY A 226 0.15 18.87 -10.80
C GLY A 226 -0.62 19.05 -9.50
N SER A 227 -1.92 18.77 -9.54
CA SER A 227 -2.79 19.01 -8.39
C SER A 227 -3.10 17.75 -7.60
N LEU A 228 -3.42 17.93 -6.33
CA LEU A 228 -3.95 16.86 -5.50
C LEU A 228 -5.46 16.84 -5.69
N TRP A 229 -6.01 15.66 -5.92
CA TRP A 229 -7.45 15.44 -6.01
C TRP A 229 -7.87 14.52 -4.86
N TYR A 230 -8.92 14.88 -4.13
CA TYR A 230 -9.34 14.12 -2.95
C TYR A 230 -10.61 13.29 -3.15
N THR A 231 -10.61 12.09 -2.57
CA THR A 231 -11.77 11.21 -2.54
C THR A 231 -12.13 10.98 -1.07
N PRO A 232 -13.42 10.98 -0.75
CA PRO A 232 -13.80 10.77 0.65
C PRO A 232 -13.44 9.36 1.15
N ILE A 233 -13.02 9.28 2.41
CA ILE A 233 -12.92 7.99 3.07
C ILE A 233 -14.34 7.65 3.47
N ARG A 234 -14.88 6.58 2.87
CA ARG A 234 -16.28 6.25 3.07
C ARG A 234 -16.59 5.91 4.52
N ARG A 235 -15.67 5.18 5.15
CA ARG A 235 -15.83 4.74 6.52
C ARG A 235 -14.46 4.44 7.12
N GLU A 236 -14.28 4.77 8.39
CA GLU A 236 -12.98 4.57 9.02
C GLU A 236 -12.83 3.17 9.60
N TRP A 237 -12.37 2.24 8.76
CA TRP A 237 -11.96 0.93 9.24
C TRP A 237 -10.71 0.53 8.47
N TYR A 238 -10.88 0.00 7.27
CA TYR A 238 -9.83 0.12 6.25
C TYR A 238 -9.92 1.54 5.69
N TYR A 239 -8.97 1.93 4.84
CA TYR A 239 -9.12 3.18 4.09
C TYR A 239 -10.03 2.91 2.90
N GLU A 240 -11.33 2.92 3.13
CA GLU A 240 -12.29 2.51 2.10
C GLU A 240 -12.66 3.71 1.22
N VAL A 241 -12.67 3.50 -0.10
CA VAL A 241 -13.05 4.53 -1.07
C VAL A 241 -14.13 3.97 -2.03
N ILE A 242 -14.64 4.83 -2.91
CA ILE A 242 -15.66 4.41 -3.86
C ILE A 242 -15.19 4.62 -5.29
N ILE A 243 -15.13 3.52 -6.05
CA ILE A 243 -14.76 3.57 -7.46
C ILE A 243 -16.04 3.63 -8.29
N VAL A 244 -16.13 4.62 -9.17
CA VAL A 244 -17.38 4.86 -9.90
C VAL A 244 -17.33 4.49 -11.40
N ARG A 245 -16.15 4.20 -11.92
CA ARG A 245 -16.04 3.87 -13.32
C ARG A 245 -14.63 3.37 -13.60
N VAL A 246 -14.50 2.46 -14.55
CA VAL A 246 -13.21 1.93 -14.98
C VAL A 246 -13.08 1.98 -16.50
N GLU A 247 -11.93 2.44 -16.98
CA GLU A 247 -11.68 2.49 -18.42
C GLU A 247 -10.38 1.81 -18.76
N ILE A 248 -10.38 1.14 -19.92
CA ILE A 248 -9.16 0.53 -20.44
C ILE A 248 -8.86 1.22 -21.76
N ASN A 249 -7.69 1.85 -21.85
CA ASN A 249 -7.33 2.66 -23.01
C ASN A 249 -8.46 3.61 -23.41
N GLY A 250 -9.06 4.29 -22.45
CA GLY A 250 -10.15 5.21 -22.73
C GLY A 250 -11.52 4.55 -22.94
N GLN A 251 -11.58 3.22 -22.94
CA GLN A 251 -12.86 2.55 -23.17
C GLN A 251 -13.52 2.06 -21.89
N ASP A 252 -14.75 2.49 -21.65
CA ASP A 252 -15.49 2.17 -20.45
C ASP A 252 -15.75 0.66 -20.37
N LEU A 253 -15.50 0.08 -19.20
CA LEU A 253 -15.75 -1.35 -18.98
C LEU A 253 -17.25 -1.62 -19.01
N LYS A 254 -18.03 -0.60 -18.67
CA LYS A 254 -19.49 -0.66 -18.77
C LYS A 254 -20.12 -1.65 -17.79
N MET A 255 -19.59 -1.72 -16.58
CA MET A 255 -20.23 -2.53 -15.56
C MET A 255 -20.96 -1.63 -14.59
N ASP A 256 -21.96 -2.19 -13.91
CA ASP A 256 -22.65 -1.46 -12.86
C ASP A 256 -21.60 -1.11 -11.80
N CYS A 257 -21.56 0.15 -11.37
CA CYS A 257 -20.53 0.58 -10.43
C CYS A 257 -20.58 -0.20 -9.11
N LYS A 258 -21.74 -0.77 -8.80
CA LYS A 258 -21.86 -1.61 -7.61
C LYS A 258 -20.89 -2.80 -7.66
N GLU A 259 -20.57 -3.27 -8.86
CA GLU A 259 -19.66 -4.41 -9.03
C GLU A 259 -18.21 -4.04 -8.68
N TYR A 260 -17.83 -2.78 -8.93
CA TYR A 260 -16.48 -2.30 -8.65
C TYR A 260 -16.20 -2.28 -7.15
N ASN A 261 -17.24 -2.12 -6.35
CA ASN A 261 -17.07 -1.97 -4.91
C ASN A 261 -17.66 -3.09 -4.06
N TYR A 262 -17.90 -4.24 -4.68
CA TYR A 262 -18.47 -5.40 -4.00
C TYR A 262 -17.34 -6.26 -3.46
N ASP A 263 -17.16 -6.33 -2.15
CA ASP A 263 -18.03 -5.72 -1.15
C ASP A 263 -17.34 -4.54 -0.45
N LYS A 264 -16.15 -4.17 -0.91
CA LYS A 264 -15.52 -2.92 -0.47
C LYS A 264 -14.40 -2.58 -1.44
N SER A 265 -13.95 -1.34 -1.41
CA SER A 265 -12.74 -0.96 -2.15
C SER A 265 -11.84 -0.25 -1.15
N ILE A 266 -10.58 -0.68 -1.09
CA ILE A 266 -9.63 -0.11 -0.12
C ILE A 266 -8.29 0.23 -0.76
N VAL A 267 -7.56 1.13 -0.09
CA VAL A 267 -6.19 1.50 -0.47
C VAL A 267 -5.24 0.81 0.51
N ASP A 268 -4.36 -0.06 0.01
CA ASP A 268 -3.58 -0.97 0.88
C ASP A 268 -2.11 -1.10 0.47
N SER A 269 -1.22 -0.40 1.17
CA SER A 269 0.19 -0.39 0.80
C SER A 269 0.91 -1.74 1.07
N GLY A 270 0.30 -2.62 1.85
CA GLY A 270 0.89 -3.92 2.13
C GLY A 270 0.46 -5.01 1.14
N THR A 271 -0.25 -4.62 0.08
CA THR A 271 -0.61 -5.57 -0.98
C THR A 271 0.08 -5.15 -2.28
N THR A 272 0.76 -6.10 -2.93
CA THR A 272 1.49 -5.78 -4.15
C THR A 272 0.52 -5.44 -5.29
N ASN A 273 -0.45 -6.32 -5.49
CA ASN A 273 -1.33 -6.26 -6.65
C ASN A 273 -2.48 -5.27 -6.58
N LEU A 274 -2.98 -4.93 -7.76
CA LEU A 274 -4.33 -4.41 -7.89
C LEU A 274 -5.24 -5.64 -7.95
N ARG A 275 -6.11 -5.79 -6.97
CA ARG A 275 -6.99 -6.95 -6.90
C ARG A 275 -8.42 -6.48 -7.18
N LEU A 276 -9.13 -7.24 -8.02
CA LEU A 276 -10.47 -6.87 -8.44
C LEU A 276 -11.47 -7.98 -8.16
N PRO A 277 -12.71 -7.62 -7.82
CA PRO A 277 -13.75 -8.64 -7.67
C PRO A 277 -13.80 -9.53 -8.93
N LYS A 278 -14.12 -10.80 -8.75
CA LYS A 278 -14.15 -11.75 -9.87
C LYS A 278 -14.79 -11.25 -11.18
N LYS A 279 -16.03 -10.75 -11.12
CA LYS A 279 -16.67 -10.33 -12.37
C LYS A 279 -15.94 -9.17 -13.03
N VAL A 280 -15.39 -8.28 -12.21
CA VAL A 280 -14.67 -7.14 -12.75
C VAL A 280 -13.35 -7.62 -13.35
N PHE A 281 -12.65 -8.50 -12.63
CA PHE A 281 -11.39 -9.05 -13.13
C PHE A 281 -11.55 -9.67 -14.52
N GLU A 282 -12.54 -10.54 -14.66
CA GLU A 282 -12.81 -11.15 -15.96
C GLU A 282 -13.04 -10.15 -17.11
N ALA A 283 -13.89 -9.15 -16.89
CA ALA A 283 -14.13 -8.17 -17.94
C ALA A 283 -12.89 -7.31 -18.21
N ALA A 284 -12.14 -6.99 -17.16
CA ALA A 284 -10.91 -6.23 -17.34
C ALA A 284 -9.91 -7.01 -18.19
N VAL A 285 -9.68 -8.27 -17.87
CA VAL A 285 -8.74 -9.09 -18.63
C VAL A 285 -9.18 -9.18 -20.09
N LYS A 286 -10.46 -9.45 -20.29
CA LYS A 286 -11.02 -9.47 -21.64
C LYS A 286 -10.65 -8.18 -22.38
N SER A 287 -10.87 -7.04 -21.74
CA SER A 287 -10.59 -5.77 -22.41
C SER A 287 -9.09 -5.47 -22.60
N ILE A 288 -8.26 -5.86 -21.63
CA ILE A 288 -6.81 -5.63 -21.77
C ILE A 288 -6.25 -6.49 -22.89
N LYS A 289 -6.74 -7.73 -22.99
CA LYS A 289 -6.33 -8.62 -24.08
C LYS A 289 -6.70 -8.03 -25.43
N ALA A 290 -7.94 -7.56 -25.56
CA ALA A 290 -8.40 -6.98 -26.82
C ALA A 290 -7.55 -5.78 -27.20
N ALA A 291 -7.12 -5.00 -26.20
CA ALA A 291 -6.35 -3.79 -26.41
C ALA A 291 -4.90 -4.05 -26.79
N SER A 292 -4.37 -5.19 -26.35
CA SER A 292 -2.99 -5.54 -26.63
C SER A 292 -2.86 -6.62 -27.73
N SER A 293 -3.88 -6.71 -28.58
CA SER A 293 -3.99 -7.84 -29.51
C SER A 293 -2.94 -7.92 -30.63
N THR A 294 -2.09 -6.90 -30.77
CA THR A 294 -1.01 -7.00 -31.74
C THR A 294 0.01 -8.03 -31.26
N GLU A 295 -0.22 -8.54 -30.05
CA GLU A 295 0.67 -9.54 -29.45
C GLU A 295 -0.14 -10.54 -28.66
N LYS A 296 0.30 -11.79 -28.66
CA LYS A 296 -0.42 -12.84 -27.97
C LYS A 296 0.35 -13.37 -26.77
N PHE A 297 -0.37 -13.63 -25.68
CA PHE A 297 0.23 -14.18 -24.50
C PHE A 297 -0.63 -15.35 -24.07
N PRO A 298 -0.02 -16.36 -23.43
CA PRO A 298 -0.79 -17.52 -23.00
C PRO A 298 -1.83 -17.15 -21.93
N ASP A 299 -2.90 -17.94 -21.85
CA ASP A 299 -3.95 -17.70 -20.88
C ASP A 299 -3.40 -17.52 -19.48
N GLY A 300 -2.42 -18.34 -19.11
CA GLY A 300 -1.83 -18.32 -17.78
C GLY A 300 -1.10 -17.04 -17.40
N PHE A 301 -0.69 -16.26 -18.39
CA PHE A 301 -0.05 -14.97 -18.11
C PHE A 301 -1.05 -14.06 -17.41
N TRP A 302 -2.26 -13.98 -17.95
CA TRP A 302 -3.28 -13.12 -17.36
C TRP A 302 -3.71 -13.59 -15.98
N LEU A 303 -3.45 -14.86 -15.67
CA LEU A 303 -3.80 -15.43 -14.37
C LEU A 303 -2.66 -15.35 -13.37
N GLY A 304 -1.54 -14.76 -13.79
CA GLY A 304 -0.38 -14.64 -12.92
C GLY A 304 0.38 -15.94 -12.72
N GLU A 305 0.08 -16.94 -13.53
CA GLU A 305 0.72 -18.26 -13.39
C GLU A 305 1.90 -18.46 -14.33
N GLN A 306 1.99 -17.62 -15.36
CA GLN A 306 3.11 -17.68 -16.30
C GLN A 306 3.75 -16.31 -16.44
N LEU A 307 5.08 -16.28 -16.50
CA LEU A 307 5.80 -15.05 -16.77
C LEU A 307 6.15 -14.96 -18.25
N VAL A 308 6.33 -13.74 -18.73
CA VAL A 308 6.85 -13.52 -20.07
C VAL A 308 8.10 -12.66 -19.93
N CYS A 309 9.13 -12.96 -20.70
CA CYS A 309 10.40 -12.25 -20.57
C CYS A 309 10.81 -11.70 -21.91
N TRP A 310 11.37 -10.49 -21.90
CA TRP A 310 11.91 -9.88 -23.10
C TRP A 310 13.41 -9.71 -22.91
N GLN A 311 14.14 -9.62 -24.02
CA GLN A 311 15.55 -9.29 -23.95
C GLN A 311 15.73 -7.91 -23.31
N ALA A 312 16.72 -7.82 -22.43
CA ALA A 312 16.95 -6.59 -21.66
C ALA A 312 16.81 -5.33 -22.49
N GLY A 313 15.93 -4.44 -22.03
CA GLY A 313 15.75 -3.13 -22.63
C GLY A 313 14.97 -3.13 -23.93
N THR A 314 14.00 -4.03 -24.04
CA THR A 314 13.20 -4.13 -25.27
C THR A 314 11.71 -4.30 -25.00
N THR A 315 11.29 -4.14 -23.75
CA THR A 315 9.88 -4.35 -23.44
C THR A 315 8.99 -3.39 -24.21
N PRO A 316 8.03 -3.93 -24.95
CA PRO A 316 7.14 -3.11 -25.78
C PRO A 316 5.99 -2.51 -24.96
N TRP A 317 6.33 -1.67 -23.99
CA TRP A 317 5.32 -1.04 -23.14
C TRP A 317 4.14 -0.54 -23.95
N ASN A 318 4.44 0.00 -25.13
CA ASN A 318 3.44 0.67 -25.97
C ASN A 318 2.30 -0.24 -26.44
N ILE A 319 2.50 -1.55 -26.38
CA ILE A 319 1.45 -2.48 -26.83
C ILE A 319 0.40 -2.75 -25.76
N PHE A 320 0.69 -2.38 -24.51
CA PHE A 320 -0.27 -2.54 -23.43
C PHE A 320 -1.04 -1.24 -23.17
N PRO A 321 -2.32 -1.34 -22.83
CA PRO A 321 -3.15 -0.14 -22.64
C PRO A 321 -2.93 0.51 -21.28
N VAL A 322 -3.35 1.76 -21.14
CA VAL A 322 -3.39 2.38 -19.82
C VAL A 322 -4.72 1.99 -19.15
N ILE A 323 -4.74 2.07 -17.83
CA ILE A 323 -5.95 1.76 -17.07
C ILE A 323 -6.33 2.93 -16.18
N SER A 324 -7.60 3.32 -16.21
CA SER A 324 -8.12 4.42 -15.43
C SER A 324 -9.21 3.98 -14.45
N LEU A 325 -9.09 4.45 -13.21
CA LEU A 325 -10.16 4.31 -12.23
C LEU A 325 -10.69 5.72 -11.93
N TYR A 326 -12.00 5.88 -11.96
CA TYR A 326 -12.61 7.12 -11.49
C TYR A 326 -13.07 6.94 -10.06
N LEU A 327 -12.74 7.93 -9.23
CA LEU A 327 -13.09 7.94 -7.81
C LEU A 327 -14.08 9.06 -7.52
N MET A 328 -14.93 8.83 -6.53
CA MET A 328 -15.85 9.83 -6.03
C MET A 328 -15.07 11.05 -5.53
N GLY A 329 -15.52 12.23 -5.91
CA GLY A 329 -14.86 13.46 -5.52
C GLY A 329 -15.46 14.05 -4.25
N GLU A 330 -15.11 15.29 -3.96
CA GLU A 330 -15.56 15.93 -2.74
C GLU A 330 -16.82 16.77 -2.91
N VAL A 331 -17.24 16.97 -4.15
CA VAL A 331 -18.47 17.72 -4.44
C VAL A 331 -19.51 16.81 -5.09
N THR A 332 -20.77 17.05 -4.79
CA THR A 332 -21.89 16.29 -5.36
C THR A 332 -21.75 16.07 -6.87
N ASN A 333 -21.87 14.81 -7.31
CA ASN A 333 -21.85 14.46 -8.73
C ASN A 333 -20.53 14.75 -9.44
N GLN A 334 -19.47 14.98 -8.68
CA GLN A 334 -18.15 15.24 -9.24
C GLN A 334 -17.18 14.08 -8.95
N SER A 335 -16.44 13.66 -9.97
CA SER A 335 -15.43 12.62 -9.80
C SER A 335 -14.11 13.06 -10.43
N PHE A 336 -13.08 12.25 -10.25
CA PHE A 336 -11.81 12.46 -10.92
C PHE A 336 -11.26 11.09 -11.26
N ARG A 337 -10.23 11.04 -12.11
CA ARG A 337 -9.69 9.76 -12.49
C ARG A 337 -8.19 9.71 -12.31
N ILE A 338 -7.72 8.53 -11.89
CA ILE A 338 -6.30 8.24 -11.85
C ILE A 338 -6.01 7.22 -12.94
N THR A 339 -4.88 7.40 -13.63
CA THR A 339 -4.52 6.53 -14.75
C THR A 339 -3.13 5.94 -14.56
N ILE A 340 -3.01 4.62 -14.69
CA ILE A 340 -1.71 3.98 -14.55
C ILE A 340 -1.25 3.34 -15.86
N LEU A 341 0.05 3.07 -15.93
CA LEU A 341 0.68 2.53 -17.13
C LEU A 341 1.03 1.06 -16.91
N PRO A 342 1.34 0.35 -18.00
CA PRO A 342 1.81 -1.03 -17.86
C PRO A 342 3.06 -1.08 -16.98
N GLN A 343 3.84 -0.01 -16.98
CA GLN A 343 4.99 0.03 -16.07
C GLN A 343 4.58 -0.19 -14.62
N GLN A 344 3.33 0.15 -14.28
CA GLN A 344 2.83 -0.11 -12.93
C GLN A 344 2.24 -1.52 -12.76
N TYR A 345 1.50 -2.02 -13.75
CA TYR A 345 0.80 -3.29 -13.57
C TYR A 345 1.47 -4.54 -14.14
N LEU A 346 2.62 -4.36 -14.78
CA LEU A 346 3.50 -5.48 -15.10
C LEU A 346 4.73 -5.35 -14.22
N ARG A 347 4.90 -6.27 -13.29
CA ARG A 347 6.01 -6.17 -12.35
C ARG A 347 7.18 -7.06 -12.72
N PRO A 348 8.38 -6.48 -12.72
CA PRO A 348 9.58 -7.27 -13.01
C PRO A 348 9.85 -8.24 -11.87
N VAL A 349 10.29 -9.44 -12.19
CA VAL A 349 10.72 -10.38 -11.17
C VAL A 349 12.23 -10.56 -11.29
N GLU A 350 12.95 -10.28 -10.21
CA GLU A 350 14.41 -10.31 -10.20
C GLU A 350 14.92 -11.74 -10.39
N ASP A 351 15.95 -11.96 -11.22
CA ASP A 351 16.65 -10.92 -12.00
C ASP A 351 17.50 -10.00 -11.14
N VAL A 352 17.89 -10.46 -9.95
CA VAL A 352 18.77 -9.71 -9.07
C VAL A 352 20.17 -9.55 -9.66
N ALA A 353 20.78 -10.67 -10.06
CA ALA A 353 22.07 -10.64 -10.73
C ALA A 353 21.89 -10.19 -12.18
N THR A 354 22.92 -9.58 -12.75
CA THR A 354 22.85 -9.09 -14.12
C THR A 354 22.50 -10.23 -15.08
N SER A 355 21.38 -10.09 -15.78
CA SER A 355 20.93 -11.11 -16.71
C SER A 355 20.46 -10.48 -18.02
N GLN A 356 20.39 -11.28 -19.06
CA GLN A 356 20.01 -10.81 -20.39
C GLN A 356 18.49 -10.64 -20.54
N ASP A 357 17.73 -11.11 -19.55
CA ASP A 357 16.29 -11.20 -19.71
C ASP A 357 15.46 -10.45 -18.65
N ASP A 358 14.59 -9.56 -19.13
CA ASP A 358 13.63 -8.86 -18.27
C ASP A 358 12.31 -9.63 -18.21
N CYS A 359 12.06 -10.30 -17.09
CA CYS A 359 10.86 -11.10 -16.94
C CYS A 359 9.76 -10.34 -16.18
N TYR A 360 8.51 -10.53 -16.58
CA TYR A 360 7.40 -9.81 -15.97
C TYR A 360 6.23 -10.71 -15.56
N LYS A 361 5.58 -10.32 -14.48
CA LYS A 361 4.33 -10.93 -14.06
C LYS A 361 3.21 -9.89 -14.15
N PHE A 362 2.03 -10.35 -14.58
CA PHE A 362 0.86 -9.49 -14.68
C PHE A 362 0.36 -9.32 -13.25
N ALA A 363 0.25 -8.09 -12.78
CA ALA A 363 0.02 -7.83 -11.36
C ALA A 363 -1.37 -7.31 -11.05
N ILE A 364 -2.34 -7.70 -11.87
CA ILE A 364 -3.73 -7.48 -11.56
C ILE A 364 -4.30 -8.86 -11.34
N SER A 365 -4.99 -9.07 -10.24
CA SER A 365 -5.49 -10.40 -9.92
C SER A 365 -6.88 -10.37 -9.32
N GLN A 366 -7.47 -11.54 -9.14
CA GLN A 366 -8.85 -11.57 -8.70
C GLN A 366 -8.96 -11.67 -7.19
N SER A 367 -10.08 -11.20 -6.66
CA SER A 367 -10.31 -11.10 -5.22
C SER A 367 -11.72 -11.59 -4.89
N SER A 368 -11.89 -12.18 -3.72
CA SER A 368 -13.24 -12.49 -3.25
C SER A 368 -13.66 -11.51 -2.17
N THR A 369 -12.77 -10.58 -1.84
CA THR A 369 -13.02 -9.63 -0.75
C THR A 369 -12.96 -8.17 -1.21
N GLY A 370 -13.44 -7.90 -2.42
CA GLY A 370 -13.50 -6.55 -2.93
C GLY A 370 -12.21 -6.05 -3.58
N THR A 371 -12.24 -4.79 -4.03
CA THR A 371 -11.13 -4.19 -4.74
C THR A 371 -10.05 -3.77 -3.75
N VAL A 372 -8.80 -4.10 -4.06
CA VAL A 372 -7.67 -3.62 -3.26
C VAL A 372 -6.75 -2.86 -4.17
N MET A 373 -6.61 -1.56 -3.89
CA MET A 373 -5.65 -0.73 -4.61
C MET A 373 -4.30 -0.85 -3.93
N GLY A 374 -3.49 -1.81 -4.39
CA GLY A 374 -2.19 -2.05 -3.80
C GLY A 374 -1.06 -1.22 -4.42
N ALA A 375 0.16 -1.73 -4.30
CA ALA A 375 1.33 -1.00 -4.80
C ALA A 375 1.23 -0.70 -6.30
N VAL A 376 0.55 -1.56 -7.05
CA VAL A 376 0.35 -1.33 -8.47
C VAL A 376 -0.30 0.02 -8.72
N ILE A 377 -1.24 0.39 -7.87
CA ILE A 377 -1.87 1.69 -8.00
C ILE A 377 -1.00 2.77 -7.36
N MET A 378 -0.52 2.49 -6.15
CA MET A 378 0.16 3.52 -5.37
C MET A 378 1.49 3.99 -5.96
N GLU A 379 2.21 3.11 -6.64
CA GLU A 379 3.49 3.46 -7.26
C GLU A 379 3.38 4.53 -8.37
N GLY A 380 2.19 4.80 -8.86
CA GLY A 380 2.02 5.87 -9.84
C GLY A 380 1.83 7.25 -9.21
N PHE A 381 1.59 7.27 -7.91
CA PHE A 381 1.06 8.47 -7.27
C PHE A 381 1.61 8.78 -5.89
N TYR A 382 1.53 10.04 -5.54
CA TYR A 382 1.74 10.47 -4.17
C TYR A 382 0.37 10.41 -3.51
N VAL A 383 0.24 9.63 -2.45
CA VAL A 383 -1.05 9.42 -1.80
C VAL A 383 -1.12 10.00 -0.39
N VAL A 384 -2.09 10.88 -0.18
CA VAL A 384 -2.20 11.58 1.10
C VAL A 384 -3.35 11.00 1.90
N PHE A 385 -3.02 10.36 3.01
CA PHE A 385 -4.01 9.85 3.96
C PHE A 385 -4.40 10.94 4.96
N ASP A 386 -5.35 11.78 4.54
CA ASP A 386 -5.79 12.94 5.31
C ASP A 386 -6.89 12.53 6.30
N ARG A 387 -6.47 11.91 7.40
CA ARG A 387 -7.38 11.36 8.38
C ARG A 387 -8.20 12.47 9.04
N ALA A 388 -7.56 13.60 9.27
CA ALA A 388 -8.22 14.72 9.92
C ALA A 388 -9.43 15.19 9.14
N ARG A 389 -9.36 15.14 7.81
CA ARG A 389 -10.49 15.60 6.97
C ARG A 389 -11.20 14.43 6.29
N LYS A 390 -10.93 13.23 6.77
CA LYS A 390 -11.59 12.03 6.27
C LYS A 390 -11.53 11.93 4.74
N ARG A 391 -10.33 12.04 4.17
CA ARG A 391 -10.18 11.96 2.73
C ARG A 391 -8.78 11.50 2.33
N ILE A 392 -8.69 10.98 1.10
CA ILE A 392 -7.45 10.50 0.53
C ILE A 392 -7.16 11.27 -0.75
N GLY A 393 -5.95 11.81 -0.83
CA GLY A 393 -5.57 12.58 -2.01
C GLY A 393 -4.65 11.80 -2.90
N PHE A 394 -4.73 12.10 -4.19
CA PHE A 394 -3.86 11.51 -5.21
C PHE A 394 -3.29 12.64 -6.08
N ALA A 395 -2.00 12.56 -6.38
CA ALA A 395 -1.36 13.44 -7.34
C ALA A 395 -0.30 12.61 -8.06
N VAL A 396 0.06 13.02 -9.27
CA VAL A 396 1.09 12.28 -10.01
C VAL A 396 2.41 12.28 -9.25
N SER A 397 2.98 11.09 -9.06
CA SER A 397 4.22 10.99 -8.30
C SER A 397 5.43 11.49 -9.10
N ALA A 398 6.28 12.27 -8.43
CA ALA A 398 7.51 12.75 -9.06
C ALA A 398 8.47 11.61 -9.40
N CYS A 399 8.26 10.44 -8.80
CA CYS A 399 9.20 9.34 -9.00
C CYS A 399 8.61 8.15 -9.76
N HIS A 400 7.39 8.26 -10.27
CA HIS A 400 6.78 7.09 -10.90
C HIS A 400 7.50 6.71 -12.21
N VAL A 401 7.56 5.40 -12.45
CA VAL A 401 8.24 4.88 -13.63
C VAL A 401 7.37 5.06 -14.87
N HIS A 402 7.93 5.71 -15.88
CA HIS A 402 7.21 5.93 -17.13
C HIS A 402 8.21 6.07 -18.29
N ASP A 403 7.71 6.40 -19.47
CA ASP A 403 8.56 6.51 -20.64
C ASP A 403 8.29 7.85 -21.33
N GLU A 404 8.79 8.01 -22.56
CA GLU A 404 8.71 9.31 -23.23
C GLU A 404 7.38 9.59 -23.93
N PHE A 405 6.51 8.58 -24.01
CA PHE A 405 5.24 8.75 -24.71
C PHE A 405 4.03 8.87 -23.80
N ARG A 406 4.14 8.33 -22.58
CA ARG A 406 2.99 8.28 -21.67
C ARG A 406 3.44 8.46 -20.24
N THR A 407 2.58 9.07 -19.43
CA THR A 407 2.83 9.22 -18.01
C THR A 407 1.57 8.87 -17.25
N ALA A 408 1.71 8.43 -16.01
CA ALA A 408 0.56 8.27 -15.12
C ALA A 408 -0.09 9.64 -14.99
N ALA A 409 -1.39 9.67 -14.67
CA ALA A 409 -2.13 10.91 -14.61
C ALA A 409 -3.21 10.92 -13.53
N VAL A 410 -3.49 12.13 -13.03
CA VAL A 410 -4.64 12.39 -12.18
C VAL A 410 -5.37 13.58 -12.78
N GLU A 411 -6.62 13.37 -13.22
CA GLU A 411 -7.35 14.41 -13.95
C GLU A 411 -8.78 14.57 -13.45
N GLY A 412 -9.28 15.79 -13.50
CA GLY A 412 -10.69 16.07 -13.22
C GLY A 412 -11.02 17.53 -13.55
N PRO A 413 -12.25 17.97 -13.25
CA PRO A 413 -13.27 17.11 -12.65
C PRO A 413 -14.10 16.44 -13.74
N PHE A 414 -14.78 15.35 -13.41
CA PHE A 414 -15.77 14.76 -14.34
C PHE A 414 -17.13 14.76 -13.68
N VAL A 415 -18.16 14.62 -14.49
CA VAL A 415 -19.50 14.54 -13.95
C VAL A 415 -19.93 13.06 -13.90
N THR A 416 -20.35 12.61 -12.73
CA THR A 416 -20.84 11.23 -12.58
C THR A 416 -22.04 11.25 -11.67
N LEU A 417 -23.18 10.73 -12.14
CA LEU A 417 -24.41 10.76 -11.36
C LEU A 417 -24.63 9.50 -10.51
N ASP A 418 -25.40 9.64 -9.44
CA ASP A 418 -25.78 8.52 -8.56
C ASP A 418 -24.62 7.74 -7.93
N MET A 419 -23.53 8.44 -7.61
CA MET A 419 -22.34 7.79 -7.08
C MET A 419 -22.58 7.15 -5.72
N GLU A 420 -23.53 7.70 -4.96
CA GLU A 420 -23.81 7.17 -3.64
C GLU A 420 -24.27 5.71 -3.70
N ASP A 421 -24.95 5.36 -4.79
CA ASP A 421 -25.50 4.00 -4.91
C ASP A 421 -24.44 2.94 -5.14
N CYS A 422 -23.20 3.36 -5.43
CA CYS A 422 -22.12 2.44 -5.79
C CYS A 422 -21.61 1.62 -4.62
N GLY A 423 -21.80 2.12 -3.41
CA GLY A 423 -21.24 1.49 -2.23
C GLY A 423 -22.05 0.28 -1.78
N TYR A 424 -21.35 -0.76 -1.34
CA TYR A 424 -21.99 -1.94 -0.75
C TYR A 424 -22.47 -1.61 0.65
N ASN A 425 -23.65 -2.11 1.01
CA ASN A 425 -24.20 -1.86 2.34
C ASN A 425 -24.27 -3.10 3.24
N VAL B 2 3.38 -9.41 -1.83
CA VAL B 2 2.88 -9.45 -0.48
C VAL B 2 1.36 -9.30 -0.48
N LEU B 5 -5.23 -7.24 5.75
CA LEU B 5 -5.83 -7.97 6.88
C LEU B 5 -7.01 -8.81 6.35
N ALA B 6 -7.14 -10.17 6.86
CA ALA B 6 -8.25 -11.01 6.39
C ALA B 6 -9.36 -11.05 7.45
#